data_3G52
#
_entry.id   3G52
#
_cell.length_a   93.020
_cell.length_b   43.720
_cell.length_c   83.140
_cell.angle_alpha   90.00
_cell.angle_beta   121.81
_cell.angle_gamma   90.00
#
_symmetry.space_group_name_H-M   'C 1 2 1'
#
loop_
_entity.id
_entity.type
_entity.pdbx_description
1 polymer GLOBIN-1
2 non-polymer 'PROTOPORPHYRIN IX CONTAINING FE'
3 non-polymer 'CARBON MONOXIDE'
4 non-polymer (2-chloroethyl)benzene
5 water water
#
_entity_poly.entity_id   1
_entity_poly.type   'polypeptide(L)'
_entity_poly.pdbx_seq_one_letter_code
;PSVYDAAAQLTADVKKDLRDSWKVIGSDKKGNGVALMTTLFADNQETIGYFKRLGDVSQGMANDKLRGHSITLMYALQNF
IDQLDNPDDLVCVVEKFAVNHITRKISAAEFGKINGPIKKVLASKNFGDKYANAWAKLVAVVQAAL
;
_entity_poly.pdbx_strand_id   A,B
#
loop_
_chem_comp.id
_chem_comp.type
_chem_comp.name
_chem_comp.formula
CEE non-polymer (2-chloroethyl)benzene 'C8 H9 Cl'
CMO non-polymer 'CARBON MONOXIDE' 'C O'
HEM non-polymer 'PROTOPORPHYRIN IX CONTAINING FE' 'C34 H32 Fe N4 O4'
#
# COMPACT_ATOMS: atom_id res chain seq x y z
N SER A 2 -1.14 -23.32 6.85
CA SER A 2 -2.15 -22.97 5.81
C SER A 2 -2.70 -21.56 6.02
N VAL A 3 -2.47 -20.70 5.03
CA VAL A 3 -2.95 -19.32 5.13
C VAL A 3 -4.47 -19.31 5.21
N TYR A 4 -5.12 -20.25 4.53
CA TYR A 4 -6.57 -20.32 4.55
C TYR A 4 -7.11 -20.73 5.92
N ASP A 5 -6.42 -21.64 6.60
CA ASP A 5 -6.86 -22.06 7.93
C ASP A 5 -6.63 -20.91 8.90
N ALA A 6 -5.55 -20.16 8.69
CA ALA A 6 -5.23 -19.03 9.55
C ALA A 6 -6.28 -17.95 9.39
N ALA A 7 -6.70 -17.71 8.15
CA ALA A 7 -7.71 -16.70 7.86
C ALA A 7 -9.04 -17.10 8.50
N ALA A 8 -9.28 -18.40 8.60
CA ALA A 8 -10.50 -18.92 9.19
C ALA A 8 -10.59 -18.61 10.68
N GLN A 9 -9.45 -18.30 11.29
CA GLN A 9 -9.41 -17.98 12.72
C GLN A 9 -9.92 -16.57 13.00
N LEU A 10 -10.15 -15.79 11.95
CA LEU A 10 -10.64 -14.44 12.13
C LEU A 10 -12.16 -14.47 12.26
N THR A 11 -12.62 -14.80 13.45
CA THR A 11 -14.06 -14.88 13.74
C THR A 11 -14.69 -13.50 13.87
N ALA A 12 -16.01 -13.47 14.00
CA ALA A 12 -16.75 -12.23 14.13
C ALA A 12 -16.21 -11.33 15.24
N ASP A 13 -15.92 -11.91 16.41
CA ASP A 13 -15.41 -11.15 17.52
C ASP A 13 -14.03 -10.56 17.26
N VAL A 14 -13.17 -11.33 16.60
CA VAL A 14 -11.83 -10.87 16.28
C VAL A 14 -11.89 -9.74 15.27
N LYS A 15 -12.71 -9.91 14.23
CA LYS A 15 -12.84 -8.88 13.22
C LYS A 15 -13.34 -7.57 13.81
N LYS A 16 -14.28 -7.65 14.75
CA LYS A 16 -14.81 -6.45 15.39
C LYS A 16 -13.72 -5.71 16.15
N ASP A 17 -12.91 -6.45 16.91
CA ASP A 17 -11.84 -5.82 17.68
C ASP A 17 -10.79 -5.19 16.76
N LEU A 18 -10.54 -5.82 15.62
CA LEU A 18 -9.58 -5.28 14.67
C LEU A 18 -10.10 -3.96 14.12
N ARG A 19 -11.36 -3.94 13.71
CA ARG A 19 -11.97 -2.74 13.15
C ARG A 19 -12.05 -1.61 14.17
N ASP A 20 -12.49 -1.94 15.39
CA ASP A 20 -12.61 -0.92 16.43
C ASP A 20 -11.30 -0.26 16.79
N SER A 21 -10.24 -1.05 16.93
CA SER A 21 -8.93 -0.48 17.27
C SER A 21 -8.33 0.26 16.07
N TRP A 22 -8.57 -0.24 14.86
CA TRP A 22 -8.03 0.40 13.68
C TRP A 22 -8.64 1.78 13.44
N LYS A 23 -9.90 1.96 13.81
CA LYS A 23 -10.53 3.26 13.63
C LYS A 23 -9.73 4.33 14.36
N VAL A 24 -9.20 3.98 15.51
CA VAL A 24 -8.42 4.91 16.32
C VAL A 24 -6.97 5.04 15.85
N ILE A 25 -6.25 3.92 15.80
CA ILE A 25 -4.85 3.95 15.40
C ILE A 25 -4.67 4.37 13.94
N GLY A 26 -5.58 3.93 13.08
CA GLY A 26 -5.47 4.27 11.67
C GLY A 26 -5.74 5.73 11.36
N SER A 27 -6.22 6.48 12.34
CA SER A 27 -6.52 7.90 12.15
C SER A 27 -5.26 8.76 12.04
N ASP A 28 -4.14 8.22 12.50
CA ASP A 28 -2.86 8.93 12.43
C ASP A 28 -1.81 7.94 11.93
N LYS A 29 -1.83 7.70 10.63
CA LYS A 29 -0.92 6.74 10.02
C LYS A 29 0.55 7.13 10.13
N LYS A 30 0.85 8.41 9.93
CA LYS A 30 2.24 8.85 10.03
C LYS A 30 2.77 8.72 11.46
N GLY A 31 2.03 9.23 12.43
CA GLY A 31 2.46 9.16 13.81
C GLY A 31 2.56 7.76 14.38
N ASN A 32 1.51 6.96 14.20
CA ASN A 32 1.52 5.61 14.73
C ASN A 32 2.38 4.65 13.91
N GLY A 33 2.52 4.93 12.62
CA GLY A 33 3.35 4.08 11.78
C GLY A 33 4.80 4.22 12.21
N VAL A 34 5.25 5.45 12.41
CA VAL A 34 6.62 5.70 12.82
C VAL A 34 6.84 5.16 14.23
N ALA A 35 5.83 5.30 15.08
CA ALA A 35 5.94 4.81 16.46
C ALA A 35 6.14 3.30 16.46
N LEU A 36 5.42 2.60 15.60
CA LEU A 36 5.54 1.15 15.52
C LEU A 36 6.96 0.75 15.09
N MET A 37 7.48 1.41 14.06
CA MET A 37 8.81 1.10 13.56
C MET A 37 9.91 1.43 14.56
N THR A 38 9.85 2.60 15.18
CA THR A 38 10.87 2.98 16.14
C THR A 38 10.86 2.03 17.35
N THR A 39 9.68 1.53 17.70
CA THR A 39 9.58 0.61 18.82
C THR A 39 10.21 -0.72 18.42
N LEU A 40 9.97 -1.15 17.19
CA LEU A 40 10.55 -2.40 16.69
C LEU A 40 12.07 -2.32 16.76
N PHE A 41 12.63 -1.22 16.26
CA PHE A 41 14.07 -1.03 16.25
C PHE A 41 14.66 -0.90 17.65
N ALA A 42 13.93 -0.25 18.54
CA ALA A 42 14.39 -0.04 19.90
C ALA A 42 14.42 -1.34 20.71
N ASP A 43 13.37 -2.14 20.60
CA ASP A 43 13.28 -3.39 21.35
C ASP A 43 13.92 -4.60 20.67
N ASN A 44 14.08 -4.54 19.36
CA ASN A 44 14.69 -5.65 18.62
C ASN A 44 15.79 -5.13 17.69
N GLN A 45 16.86 -4.64 18.28
CA GLN A 45 17.98 -4.09 17.52
C GLN A 45 18.51 -5.02 16.43
N GLU A 46 18.36 -6.32 16.64
CA GLU A 46 18.88 -7.29 15.67
C GLU A 46 18.14 -7.29 14.33
N THR A 47 17.06 -6.52 14.23
CA THR A 47 16.29 -6.46 12.98
C THR A 47 16.68 -5.24 12.13
N ILE A 48 17.38 -4.29 12.75
CA ILE A 48 17.79 -3.07 12.05
C ILE A 48 18.56 -3.34 10.76
N GLY A 49 19.42 -4.37 10.78
CA GLY A 49 20.19 -4.70 9.60
C GLY A 49 19.40 -4.87 8.33
N TYR A 50 18.18 -5.38 8.46
CA TYR A 50 17.31 -5.60 7.31
C TYR A 50 16.85 -4.31 6.63
N PHE A 51 16.84 -3.22 7.39
CA PHE A 51 16.37 -1.93 6.88
C PHE A 51 17.48 -0.98 6.43
N LYS A 52 18.57 -1.56 5.94
CA LYS A 52 19.72 -0.79 5.47
C LYS A 52 19.37 0.33 4.48
N ARG A 53 18.37 0.09 3.64
CA ARG A 53 17.97 1.09 2.64
C ARG A 53 17.44 2.38 3.25
N LEU A 54 16.83 2.28 4.42
CA LEU A 54 16.26 3.45 5.08
C LEU A 54 17.28 4.40 5.72
N GLY A 55 18.53 3.96 5.80
CA GLY A 55 19.56 4.81 6.38
C GLY A 55 19.58 4.77 7.89
N ASP A 56 19.78 5.92 8.52
CA ASP A 56 19.83 6.00 9.98
C ASP A 56 18.42 6.06 10.58
N VAL A 57 17.91 4.89 10.95
CA VAL A 57 16.57 4.78 11.52
C VAL A 57 16.40 5.40 12.90
N SER A 58 17.52 5.69 13.57
CA SER A 58 17.45 6.28 14.90
C SER A 58 16.95 7.71 14.82
N GLN A 59 16.92 8.26 13.61
CA GLN A 59 16.45 9.63 13.39
C GLN A 59 14.93 9.72 13.46
N GLY A 60 14.28 8.56 13.40
CA GLY A 60 12.82 8.54 13.48
C GLY A 60 12.10 9.37 12.43
N MET A 61 11.17 10.20 12.90
CA MET A 61 10.36 11.05 12.03
C MET A 61 11.17 11.96 11.11
N ALA A 62 12.38 12.31 11.52
CA ALA A 62 13.25 13.20 10.75
C ALA A 62 13.82 12.52 9.50
N ASN A 63 13.76 11.19 9.47
CA ASN A 63 14.27 10.40 8.36
C ASN A 63 13.16 10.27 7.32
N ASP A 64 13.32 10.94 6.17
CA ASP A 64 12.30 10.90 5.13
C ASP A 64 11.99 9.51 4.60
N LYS A 65 13.02 8.68 4.42
CA LYS A 65 12.80 7.34 3.92
C LYS A 65 12.02 6.50 4.94
N LEU A 66 12.31 6.69 6.22
CA LEU A 66 11.61 5.96 7.25
C LEU A 66 10.15 6.42 7.32
N ARG A 67 9.94 7.72 7.19
CA ARG A 67 8.57 8.24 7.24
C ARG A 67 7.74 7.72 6.08
N GLY A 68 8.34 7.70 4.88
CA GLY A 68 7.63 7.20 3.72
C GLY A 68 7.32 5.73 3.85
N HIS A 69 8.27 4.98 4.41
CA HIS A 69 8.09 3.55 4.62
C HIS A 69 6.99 3.30 5.65
N SER A 70 7.04 4.05 6.74
CA SER A 70 6.07 3.91 7.82
C SER A 70 4.64 4.22 7.40
N ILE A 71 4.45 5.29 6.65
CA ILE A 71 3.11 5.65 6.20
C ILE A 71 2.58 4.55 5.28
N THR A 72 3.42 4.10 4.36
CA THR A 72 3.03 3.06 3.42
C THR A 72 2.66 1.76 4.13
N LEU A 73 3.39 1.43 5.19
CA LEU A 73 3.12 0.22 5.95
C LEU A 73 1.69 0.26 6.50
N MET A 74 1.26 1.45 6.94
CA MET A 74 -0.08 1.59 7.50
C MET A 74 -1.16 1.34 6.45
N TYR A 75 -0.85 1.61 5.19
CA TYR A 75 -1.83 1.37 4.13
C TYR A 75 -1.91 -0.12 3.81
N ALA A 76 -0.90 -0.88 4.20
CA ALA A 76 -0.94 -2.32 3.99
C ALA A 76 -1.94 -2.85 5.01
N LEU A 77 -1.92 -2.30 6.22
CA LEU A 77 -2.85 -2.74 7.25
C LEU A 77 -4.27 -2.30 6.91
N GLN A 78 -4.41 -1.12 6.29
CA GLN A 78 -5.73 -0.63 5.90
C GLN A 78 -6.29 -1.61 4.87
N ASN A 79 -5.42 -2.06 3.98
CA ASN A 79 -5.77 -3.02 2.94
C ASN A 79 -6.34 -4.28 3.59
N PHE A 80 -5.59 -4.85 4.55
CA PHE A 80 -6.04 -6.07 5.23
C PHE A 80 -7.42 -5.89 5.88
N ILE A 81 -7.60 -4.78 6.59
CA ILE A 81 -8.86 -4.51 7.26
C ILE A 81 -10.01 -4.46 6.26
N ASP A 82 -9.78 -3.79 5.13
CA ASP A 82 -10.82 -3.68 4.12
C ASP A 82 -11.17 -5.02 3.45
N GLN A 83 -10.28 -6.00 3.54
CA GLN A 83 -10.53 -7.31 2.94
C GLN A 83 -11.10 -8.35 3.90
N LEU A 84 -11.34 -7.97 5.15
CA LEU A 84 -11.85 -8.92 6.14
C LEU A 84 -13.16 -9.62 5.76
N ASP A 85 -14.00 -8.96 4.97
CA ASP A 85 -15.28 -9.55 4.56
C ASP A 85 -15.15 -10.73 3.61
N ASN A 86 -14.09 -10.71 2.80
CA ASN A 86 -13.86 -11.76 1.80
C ASN A 86 -12.52 -12.45 1.99
N PRO A 87 -12.52 -13.66 2.57
CA PRO A 87 -11.29 -14.42 2.79
C PRO A 87 -10.44 -14.65 1.55
N ASP A 88 -11.08 -14.80 0.39
CA ASP A 88 -10.33 -15.02 -0.83
C ASP A 88 -9.51 -13.79 -1.21
N ASP A 89 -10.06 -12.61 -0.98
CA ASP A 89 -9.34 -11.39 -1.31
C ASP A 89 -8.30 -11.07 -0.24
N LEU A 90 -8.63 -11.40 1.00
CA LEU A 90 -7.68 -11.15 2.10
C LEU A 90 -6.44 -11.99 1.83
N VAL A 91 -6.65 -13.25 1.47
CA VAL A 91 -5.53 -14.14 1.21
C VAL A 91 -4.64 -13.67 0.06
N CYS A 92 -5.23 -13.24 -1.05
CA CYS A 92 -4.38 -12.81 -2.17
C CYS A 92 -3.58 -11.55 -1.89
N VAL A 93 -4.07 -10.68 -1.00
CA VAL A 93 -3.29 -9.47 -0.68
C VAL A 93 -2.24 -9.82 0.36
N VAL A 94 -2.55 -10.76 1.24
CA VAL A 94 -1.57 -11.18 2.23
C VAL A 94 -0.41 -11.86 1.52
N GLU A 95 -0.72 -12.71 0.54
CA GLU A 95 0.33 -13.40 -0.19
C GLU A 95 1.21 -12.43 -1.00
N LYS A 96 0.62 -11.36 -1.50
CA LYS A 96 1.38 -10.38 -2.28
C LYS A 96 2.40 -9.74 -1.36
N PHE A 97 1.99 -9.36 -0.15
N PHE A 97 1.94 -9.40 -0.17
CA PHE A 97 2.91 -8.74 0.79
CA PHE A 97 2.70 -8.75 0.87
C PHE A 97 3.89 -9.75 1.36
C PHE A 97 3.72 -9.70 1.53
N ALA A 98 3.47 -11.01 1.44
CA ALA A 98 4.35 -12.03 1.99
C ALA A 98 5.58 -12.13 1.08
N VAL A 99 5.35 -12.07 -0.23
CA VAL A 99 6.43 -12.14 -1.20
C VAL A 99 7.43 -11.01 -0.99
N ASN A 100 6.92 -9.82 -0.66
CA ASN A 100 7.78 -8.66 -0.42
C ASN A 100 8.75 -8.93 0.72
N HIS A 101 8.31 -9.74 1.69
CA HIS A 101 9.14 -10.06 2.83
C HIS A 101 9.98 -11.30 2.60
N ILE A 102 9.48 -12.25 1.81
CA ILE A 102 10.23 -13.47 1.52
C ILE A 102 11.50 -13.10 0.76
N THR A 103 11.39 -12.14 -0.15
CA THR A 103 12.53 -11.70 -0.95
C THR A 103 13.56 -10.97 -0.09
N ARG A 104 13.12 -10.51 1.09
CA ARG A 104 14.00 -9.82 2.02
C ARG A 104 14.56 -10.79 3.05
N LYS A 105 14.26 -12.07 2.87
CA LYS A 105 14.73 -13.12 3.76
C LYS A 105 14.14 -13.06 5.16
N ILE A 106 12.88 -12.62 5.26
CA ILE A 106 12.21 -12.51 6.55
C ILE A 106 11.37 -13.78 6.78
N SER A 107 11.66 -14.47 7.89
CA SER A 107 10.95 -15.70 8.23
C SER A 107 9.68 -15.39 9.01
N ALA A 108 8.85 -16.42 9.19
CA ALA A 108 7.61 -16.27 9.94
C ALA A 108 7.92 -15.85 11.38
N ALA A 109 8.97 -16.45 11.95
CA ALA A 109 9.37 -16.15 13.31
C ALA A 109 9.81 -14.70 13.49
N GLU A 110 10.60 -14.19 12.55
CA GLU A 110 11.07 -12.82 12.65
C GLU A 110 9.98 -11.81 12.36
N PHE A 111 9.05 -12.17 11.47
CA PHE A 111 7.95 -11.29 11.15
C PHE A 111 7.12 -11.14 12.43
N GLY A 112 7.04 -12.24 13.18
CA GLY A 112 6.28 -12.27 14.42
C GLY A 112 6.81 -11.34 15.50
N LYS A 113 8.02 -10.83 15.32
CA LYS A 113 8.60 -9.93 16.31
C LYS A 113 7.84 -8.61 16.35
N ILE A 114 6.97 -8.38 15.37
CA ILE A 114 6.20 -7.15 15.32
C ILE A 114 5.09 -7.15 16.38
N ASN A 115 4.77 -8.33 16.90
CA ASN A 115 3.73 -8.44 17.92
C ASN A 115 4.06 -7.66 19.19
N GLY A 116 5.33 -7.64 19.57
CA GLY A 116 5.73 -6.91 20.76
C GLY A 116 5.41 -5.43 20.60
N PRO A 117 5.92 -4.79 19.53
CA PRO A 117 5.68 -3.38 19.27
C PRO A 117 4.20 -3.03 19.15
N ILE A 118 3.42 -3.90 18.50
CA ILE A 118 2.00 -3.65 18.35
C ILE A 118 1.31 -3.58 19.71
N LYS A 119 1.63 -4.52 20.60
CA LYS A 119 1.01 -4.52 21.92
C LYS A 119 1.41 -3.28 22.71
N LYS A 120 2.68 -2.90 22.62
CA LYS A 120 3.17 -1.72 23.34
C LYS A 120 2.52 -0.42 22.91
N VAL A 121 2.48 -0.18 21.60
CA VAL A 121 1.87 1.06 21.12
C VAL A 121 0.37 1.06 21.39
N LEU A 122 -0.28 -0.08 21.21
CA LEU A 122 -1.71 -0.18 21.47
C LEU A 122 -1.98 0.18 22.93
N ALA A 123 -1.14 -0.35 23.83
CA ALA A 123 -1.30 -0.09 25.26
C ALA A 123 -1.17 1.39 25.57
N SER A 124 -0.31 2.09 24.83
CA SER A 124 -0.12 3.52 25.05
C SER A 124 -1.33 4.30 24.58
N LYS A 125 -2.23 3.63 23.87
CA LYS A 125 -3.45 4.24 23.35
C LYS A 125 -4.66 3.76 24.14
N ASN A 126 -4.39 3.00 25.21
CA ASN A 126 -5.41 2.45 26.08
C ASN A 126 -6.13 1.23 25.50
N PHE A 127 -5.45 0.50 24.63
CA PHE A 127 -6.01 -0.72 24.06
C PHE A 127 -5.19 -1.88 24.63
N GLY A 128 -5.83 -2.69 25.46
CA GLY A 128 -5.15 -3.80 26.11
C GLY A 128 -4.92 -5.09 25.35
N ASP A 129 -4.51 -6.11 26.11
CA ASP A 129 -4.21 -7.44 25.59
C ASP A 129 -5.26 -7.98 24.63
N LYS A 130 -6.53 -7.70 24.92
CA LYS A 130 -7.63 -8.16 24.08
C LYS A 130 -7.38 -7.78 22.62
N TYR A 131 -7.04 -6.53 22.40
CA TYR A 131 -6.77 -6.01 21.06
C TYR A 131 -5.45 -6.49 20.50
N ALA A 132 -4.43 -6.58 21.36
CA ALA A 132 -3.13 -7.04 20.92
C ALA A 132 -3.25 -8.47 20.39
N ASN A 133 -4.05 -9.28 21.08
CA ASN A 133 -4.25 -10.66 20.68
C ASN A 133 -5.01 -10.75 19.35
N ALA A 134 -5.95 -9.83 19.14
CA ALA A 134 -6.71 -9.81 17.90
C ALA A 134 -5.74 -9.57 16.74
N TRP A 135 -4.86 -8.59 16.92
CA TRP A 135 -3.89 -8.28 15.89
C TRP A 135 -2.87 -9.39 15.68
N ALA A 136 -2.58 -10.14 16.73
CA ALA A 136 -1.65 -11.25 16.60
C ALA A 136 -2.24 -12.30 15.67
N LYS A 137 -3.57 -12.42 15.69
CA LYS A 137 -4.24 -13.38 14.82
C LYS A 137 -4.14 -12.97 13.35
N LEU A 138 -4.19 -11.67 13.08
CA LEU A 138 -4.09 -11.21 11.70
C LEU A 138 -2.63 -11.37 11.25
N VAL A 139 -1.70 -11.06 12.15
CA VAL A 139 -0.29 -11.21 11.84
C VAL A 139 -0.02 -12.68 11.54
N ALA A 140 -0.71 -13.57 12.24
CA ALA A 140 -0.54 -15.01 12.03
C ALA A 140 -0.92 -15.44 10.62
N VAL A 141 -1.80 -14.69 9.97
CA VAL A 141 -2.20 -15.01 8.61
C VAL A 141 -1.02 -14.75 7.69
N VAL A 142 -0.30 -13.66 7.93
CA VAL A 142 0.86 -13.34 7.11
C VAL A 142 1.96 -14.38 7.39
N GLN A 143 2.13 -14.72 8.65
CA GLN A 143 3.15 -15.69 9.01
C GLN A 143 2.94 -17.02 8.30
N ALA A 144 1.69 -17.40 8.10
CA ALA A 144 1.36 -18.66 7.43
C ALA A 144 1.77 -18.64 5.96
N ALA A 145 1.97 -17.46 5.40
CA ALA A 145 2.35 -17.33 4.00
C ALA A 145 3.85 -17.15 3.80
N LEU A 146 4.60 -17.03 4.89
CA LEU A 146 6.05 -16.84 4.80
C LEU A 146 6.82 -18.16 4.81
N SER B 2 12.37 19.42 -9.26
CA SER B 2 12.42 18.31 -8.26
C SER B 2 11.04 17.72 -8.07
N VAL B 3 10.96 16.65 -7.27
CA VAL B 3 9.68 16.00 -7.00
C VAL B 3 8.84 16.97 -6.19
N TYR B 4 9.49 17.67 -5.27
CA TYR B 4 8.81 18.63 -4.42
C TYR B 4 8.17 19.71 -5.29
N ASP B 5 8.88 20.16 -6.31
CA ASP B 5 8.36 21.20 -7.21
C ASP B 5 7.10 20.70 -7.93
N ALA B 6 7.16 19.47 -8.42
CA ALA B 6 6.03 18.88 -9.13
C ALA B 6 4.83 18.72 -8.21
N ALA B 7 5.08 18.40 -6.95
CA ALA B 7 4.01 18.20 -5.97
C ALA B 7 3.43 19.54 -5.51
N ALA B 8 4.32 20.45 -5.13
CA ALA B 8 3.91 21.77 -4.66
C ALA B 8 3.09 22.52 -5.70
N GLN B 9 3.11 22.06 -6.94
CA GLN B 9 2.36 22.73 -8.00
C GLN B 9 0.89 22.31 -8.06
N LEU B 10 0.57 21.12 -7.54
CA LEU B 10 -0.81 20.62 -7.53
C LEU B 10 -1.70 21.63 -6.82
N THR B 11 -2.49 22.37 -7.60
CA THR B 11 -3.36 23.41 -7.06
C THR B 11 -4.64 22.92 -6.38
N ALA B 12 -5.32 23.85 -5.70
CA ALA B 12 -6.56 23.53 -5.01
C ALA B 12 -7.59 22.92 -5.96
N ASP B 13 -7.65 23.42 -7.19
CA ASP B 13 -8.61 22.90 -8.15
C ASP B 13 -8.26 21.50 -8.61
N VAL B 14 -6.98 21.25 -8.81
CA VAL B 14 -6.52 19.93 -9.24
C VAL B 14 -6.78 18.93 -8.12
N LYS B 15 -6.49 19.32 -6.89
CA LYS B 15 -6.70 18.43 -5.76
C LYS B 15 -8.19 18.10 -5.61
N LYS B 16 -9.04 19.09 -5.88
CA LYS B 16 -10.48 18.89 -5.80
C LYS B 16 -10.94 17.86 -6.84
N ASP B 17 -10.45 18.00 -8.07
CA ASP B 17 -10.82 17.05 -9.12
C ASP B 17 -10.29 15.66 -8.81
N LEU B 18 -9.10 15.57 -8.23
CA LEU B 18 -8.53 14.27 -7.88
C LEU B 18 -9.38 13.59 -6.81
N ARG B 19 -9.73 14.35 -5.77
CA ARG B 19 -10.53 13.81 -4.68
C ARG B 19 -11.94 13.44 -5.12
N ASP B 20 -12.57 14.27 -5.94
CA ASP B 20 -13.92 13.98 -6.41
C ASP B 20 -13.97 12.69 -7.24
N SER B 21 -13.01 12.51 -8.14
CA SER B 21 -13.00 11.32 -8.96
C SER B 21 -12.59 10.08 -8.16
N TRP B 22 -11.70 10.27 -7.19
CA TRP B 22 -11.26 9.14 -6.38
C TRP B 22 -12.37 8.60 -5.50
N LYS B 23 -13.30 9.48 -5.08
CA LYS B 23 -14.42 9.04 -4.25
C LYS B 23 -15.14 7.90 -4.96
N VAL B 24 -15.25 8.03 -6.28
CA VAL B 24 -15.92 7.03 -7.10
C VAL B 24 -15.03 5.86 -7.51
N ILE B 25 -13.95 6.13 -8.21
CA ILE B 25 -13.07 5.05 -8.65
C ILE B 25 -12.41 4.31 -7.48
N GLY B 26 -12.13 5.00 -6.40
CA GLY B 26 -11.52 4.36 -5.26
C GLY B 26 -12.47 3.57 -4.38
N SER B 27 -13.77 3.66 -4.68
CA SER B 27 -14.78 2.94 -3.90
C SER B 27 -14.86 1.47 -4.25
N ASP B 28 -14.32 1.09 -5.41
CA ASP B 28 -14.32 -0.30 -5.83
C ASP B 28 -12.89 -0.59 -6.29
N LYS B 29 -12.00 -0.76 -5.33
CA LYS B 29 -10.59 -1.00 -5.61
C LYS B 29 -10.31 -2.27 -6.38
N LYS B 30 -11.01 -3.36 -6.03
CA LYS B 30 -10.80 -4.62 -6.74
C LYS B 30 -11.26 -4.51 -8.20
N GLY B 31 -12.47 -4.02 -8.40
CA GLY B 31 -13.00 -3.89 -9.76
C GLY B 31 -12.24 -2.92 -10.64
N ASN B 32 -11.99 -1.72 -10.14
CA ASN B 32 -11.29 -0.73 -10.93
C ASN B 32 -9.78 -0.95 -11.02
N GLY B 33 -9.22 -1.60 -10.01
CA GLY B 33 -7.80 -1.88 -10.03
C GLY B 33 -7.50 -2.90 -11.12
N VAL B 34 -8.31 -3.94 -11.19
CA VAL B 34 -8.11 -4.97 -12.20
C VAL B 34 -8.40 -4.39 -13.58
N ALA B 35 -9.40 -3.52 -13.67
CA ALA B 35 -9.74 -2.90 -14.94
C ALA B 35 -8.56 -2.08 -15.45
N LEU B 36 -7.90 -1.36 -14.55
N LEU B 36 -7.90 -1.36 -14.54
CA LEU B 36 -6.74 -0.55 -14.92
CA LEU B 36 -6.75 -0.54 -14.90
C LEU B 36 -5.64 -1.42 -15.50
C LEU B 36 -5.63 -1.41 -15.48
N MET B 37 -5.31 -2.51 -14.80
CA MET B 37 -4.26 -3.41 -15.24
C MET B 37 -4.61 -4.11 -16.56
N THR B 38 -5.83 -4.64 -16.68
CA THR B 38 -6.21 -5.32 -17.90
C THR B 38 -6.18 -4.37 -19.10
N THR B 39 -6.54 -3.11 -18.87
CA THR B 39 -6.52 -2.13 -19.95
C THR B 39 -5.09 -1.82 -20.34
N LEU B 40 -4.18 -1.75 -19.36
CA LEU B 40 -2.79 -1.49 -19.65
C LEU B 40 -2.24 -2.60 -20.54
N PHE B 41 -2.58 -3.85 -20.21
CA PHE B 41 -2.09 -4.98 -20.97
C PHE B 41 -2.73 -5.07 -22.35
N ALA B 42 -3.94 -4.57 -22.48
CA ALA B 42 -4.64 -4.62 -23.76
C ALA B 42 -4.10 -3.59 -24.76
N ASP B 43 -3.85 -2.38 -24.27
CA ASP B 43 -3.36 -1.30 -25.12
C ASP B 43 -1.84 -1.19 -25.23
N ASN B 44 -1.13 -1.75 -24.25
CA ASN B 44 0.33 -1.71 -24.26
C ASN B 44 0.86 -3.12 -23.99
N GLN B 45 0.65 -4.00 -24.96
CA GLN B 45 1.08 -5.38 -24.85
C GLN B 45 2.56 -5.55 -24.55
N GLU B 46 3.38 -4.56 -24.91
CA GLU B 46 4.81 -4.64 -24.69
C GLU B 46 5.19 -4.63 -23.20
N THR B 47 4.24 -4.29 -22.34
CA THR B 47 4.51 -4.24 -20.91
C THR B 47 4.23 -5.55 -20.19
N ILE B 48 3.55 -6.48 -20.85
CA ILE B 48 3.21 -7.76 -20.24
C ILE B 48 4.41 -8.49 -19.64
N GLY B 49 5.52 -8.48 -20.37
CA GLY B 49 6.72 -9.16 -19.89
C GLY B 49 7.21 -8.75 -18.52
N TYR B 50 6.98 -7.49 -18.16
CA TYR B 50 7.41 -6.98 -16.86
C TYR B 50 6.69 -7.62 -15.68
N PHE B 51 5.49 -8.14 -15.94
CA PHE B 51 4.67 -8.73 -14.90
C PHE B 51 4.65 -10.25 -14.89
N LYS B 52 5.76 -10.87 -15.25
CA LYS B 52 5.82 -12.33 -15.29
C LYS B 52 5.55 -12.99 -13.94
N ARG B 53 5.80 -12.29 -12.84
CA ARG B 53 5.55 -12.88 -11.52
C ARG B 53 4.07 -13.15 -11.31
N LEU B 54 3.23 -12.36 -11.98
CA LEU B 54 1.78 -12.50 -11.83
C LEU B 54 1.17 -13.66 -12.60
N GLY B 55 1.98 -14.31 -13.44
CA GLY B 55 1.46 -15.43 -14.22
C GLY B 55 0.69 -15.01 -15.44
N ASP B 56 -0.38 -15.73 -15.76
CA ASP B 56 -1.20 -15.42 -16.93
C ASP B 56 -2.16 -14.28 -16.62
N VAL B 57 -1.77 -13.07 -17.00
CA VAL B 57 -2.59 -11.89 -16.73
C VAL B 57 -3.86 -11.82 -17.57
N SER B 58 -4.01 -12.73 -18.52
CA SER B 58 -5.22 -12.73 -19.35
C SER B 58 -6.37 -13.36 -18.58
N GLN B 59 -6.05 -13.95 -17.43
CA GLN B 59 -7.06 -14.59 -16.59
C GLN B 59 -7.88 -13.57 -15.81
N GLY B 60 -7.42 -12.32 -15.82
CA GLY B 60 -8.12 -11.27 -15.13
C GLY B 60 -8.40 -11.52 -13.65
N MET B 61 -9.64 -11.23 -13.25
CA MET B 61 -10.08 -11.38 -11.87
C MET B 61 -9.80 -12.76 -11.27
N ALA B 62 -9.84 -13.79 -12.10
CA ALA B 62 -9.60 -15.16 -11.64
C ALA B 62 -8.17 -15.38 -11.16
N ASN B 63 -7.23 -14.63 -11.72
CA ASN B 63 -5.81 -14.73 -11.35
C ASN B 63 -5.63 -14.08 -9.98
N ASP B 64 -5.39 -14.90 -8.96
CA ASP B 64 -5.22 -14.39 -7.59
C ASP B 64 -4.04 -13.44 -7.44
N LYS B 65 -2.94 -13.72 -8.12
CA LYS B 65 -1.77 -12.87 -8.03
C LYS B 65 -2.05 -11.50 -8.66
N LEU B 66 -2.78 -11.50 -9.76
CA LEU B 66 -3.12 -10.25 -10.43
C LEU B 66 -4.11 -9.46 -9.57
N ARG B 67 -5.05 -10.17 -8.97
CA ARG B 67 -6.05 -9.51 -8.12
C ARG B 67 -5.36 -8.88 -6.90
N GLY B 68 -4.45 -9.62 -6.28
CA GLY B 68 -3.74 -9.11 -5.13
C GLY B 68 -2.90 -7.88 -5.48
N HIS B 69 -2.26 -7.93 -6.65
CA HIS B 69 -1.44 -6.81 -7.11
C HIS B 69 -2.32 -5.59 -7.39
N SER B 70 -3.43 -5.81 -8.10
CA SER B 70 -4.33 -4.73 -8.47
C SER B 70 -4.97 -4.02 -7.28
N ILE B 71 -5.38 -4.78 -6.28
CA ILE B 71 -5.97 -4.17 -5.10
C ILE B 71 -4.93 -3.32 -4.39
N THR B 72 -3.73 -3.90 -4.23
CA THR B 72 -2.65 -3.20 -3.55
C THR B 72 -2.27 -1.92 -4.30
N LEU B 73 -2.32 -1.95 -5.63
CA LEU B 73 -1.99 -0.77 -6.41
C LEU B 73 -2.94 0.37 -6.07
N MET B 74 -4.21 0.04 -5.86
CA MET B 74 -5.19 1.07 -5.54
C MET B 74 -4.94 1.71 -4.18
N TYR B 75 -4.27 0.99 -3.28
CA TYR B 75 -3.96 1.55 -1.98
C TYR B 75 -2.75 2.48 -2.06
N ALA B 76 -1.94 2.31 -3.10
CA ALA B 76 -0.80 3.20 -3.31
C ALA B 76 -1.42 4.52 -3.73
N LEU B 77 -2.45 4.45 -4.57
CA LEU B 77 -3.13 5.66 -5.02
C LEU B 77 -3.89 6.29 -3.85
N GLN B 78 -4.47 5.45 -2.99
CA GLN B 78 -5.20 5.97 -1.83
C GLN B 78 -4.22 6.77 -0.98
N ASN B 79 -3.01 6.24 -0.86
CA ASN B 79 -1.94 6.87 -0.09
C ASN B 79 -1.66 8.26 -0.66
N PHE B 80 -1.43 8.33 -1.96
CA PHE B 80 -1.17 9.61 -2.61
C PHE B 80 -2.27 10.63 -2.36
N ILE B 81 -3.52 10.21 -2.58
CA ILE B 81 -4.66 11.08 -2.38
C ILE B 81 -4.73 11.62 -0.96
N ASP B 82 -4.47 10.76 0.02
CA ASP B 82 -4.52 11.19 1.41
C ASP B 82 -3.41 12.19 1.80
N GLN B 83 -2.32 12.19 1.05
CA GLN B 83 -1.20 13.10 1.36
C GLN B 83 -1.20 14.40 0.55
N LEU B 84 -2.21 14.61 -0.28
CA LEU B 84 -2.26 15.79 -1.13
C LEU B 84 -2.02 17.14 -0.45
N ASP B 85 -2.55 17.32 0.76
CA ASP B 85 -2.39 18.60 1.45
C ASP B 85 -1.07 18.82 2.17
N ASN B 86 -0.18 17.83 2.15
CA ASN B 86 1.11 17.98 2.79
C ASN B 86 2.17 17.48 1.82
N PRO B 87 2.68 18.37 0.96
CA PRO B 87 3.71 18.02 -0.03
C PRO B 87 4.88 17.23 0.55
N ASP B 88 5.28 17.55 1.78
CA ASP B 88 6.40 16.85 2.39
C ASP B 88 6.09 15.36 2.52
N ASP B 89 4.89 15.03 2.97
CA ASP B 89 4.49 13.64 3.12
C ASP B 89 4.28 13.00 1.76
N LEU B 90 3.69 13.75 0.83
CA LEU B 90 3.46 13.21 -0.51
C LEU B 90 4.79 12.84 -1.16
N VAL B 91 5.78 13.72 -1.02
CA VAL B 91 7.08 13.44 -1.61
C VAL B 91 7.74 12.18 -1.07
N CYS B 92 7.74 12.00 0.25
CA CYS B 92 8.40 10.80 0.77
C CYS B 92 7.69 9.50 0.42
N VAL B 93 6.38 9.54 0.19
CA VAL B 93 5.70 8.30 -0.20
C VAL B 93 5.89 8.05 -1.69
N VAL B 94 5.93 9.13 -2.48
CA VAL B 94 6.15 9.00 -3.91
C VAL B 94 7.56 8.45 -4.16
N GLU B 95 8.54 8.94 -3.40
CA GLU B 95 9.90 8.46 -3.59
C GLU B 95 10.04 6.99 -3.20
N LYS B 96 9.29 6.56 -2.19
CA LYS B 96 9.34 5.16 -1.74
C LYS B 96 8.83 4.28 -2.86
N PHE B 97 7.69 4.63 -3.46
N PHE B 97 7.71 4.69 -3.43
CA PHE B 97 7.14 3.83 -4.55
CA PHE B 97 7.03 4.00 -4.50
C PHE B 97 7.96 3.96 -5.81
C PHE B 97 7.76 4.10 -5.84
N ALA B 98 8.68 5.07 -5.94
CA ALA B 98 9.50 5.27 -7.13
C ALA B 98 10.60 4.20 -7.14
N VAL B 99 11.15 3.94 -5.96
CA VAL B 99 12.20 2.94 -5.82
C VAL B 99 11.71 1.56 -6.26
N ASN B 100 10.47 1.25 -5.91
CA ASN B 100 9.86 -0.03 -6.29
C ASN B 100 9.86 -0.21 -7.81
N HIS B 101 9.75 0.89 -8.54
CA HIS B 101 9.74 0.81 -9.99
C HIS B 101 11.12 0.98 -10.60
N ILE B 102 11.98 1.74 -9.92
CA ILE B 102 13.34 1.94 -10.40
C ILE B 102 14.07 0.61 -10.39
N THR B 103 13.82 -0.21 -9.37
CA THR B 103 14.46 -1.52 -9.27
C THR B 103 14.03 -2.44 -10.40
N ARG B 104 12.85 -2.17 -10.97
CA ARG B 104 12.34 -2.99 -12.08
C ARG B 104 12.70 -2.39 -13.43
N LYS B 105 13.51 -1.32 -13.41
CA LYS B 105 13.95 -0.65 -14.62
C LYS B 105 12.82 0.03 -15.38
N ILE B 106 11.85 0.57 -14.66
CA ILE B 106 10.73 1.27 -15.28
C ILE B 106 11.11 2.75 -15.38
N SER B 107 11.21 3.26 -16.61
CA SER B 107 11.57 4.64 -16.84
C SER B 107 10.39 5.58 -16.65
N ALA B 108 10.66 6.88 -16.60
CA ALA B 108 9.59 7.86 -16.44
C ALA B 108 8.62 7.77 -17.61
N ALA B 109 9.15 7.57 -18.81
CA ALA B 109 8.31 7.46 -20.00
C ALA B 109 7.40 6.23 -19.95
N GLU B 110 7.94 5.10 -19.50
CA GLU B 110 7.16 3.89 -19.42
C GLU B 110 6.09 4.01 -18.34
N PHE B 111 6.44 4.67 -17.24
CA PHE B 111 5.48 4.85 -16.16
C PHE B 111 4.30 5.67 -16.67
N GLY B 112 4.58 6.61 -17.56
CA GLY B 112 3.54 7.45 -18.13
C GLY B 112 2.53 6.70 -18.99
N LYS B 113 2.82 5.46 -19.31
CA LYS B 113 1.90 4.67 -20.14
C LYS B 113 0.60 4.41 -19.40
N ILE B 114 0.61 4.60 -18.08
CA ILE B 114 -0.57 4.38 -17.26
C ILE B 114 -1.64 5.45 -17.50
N ASN B 115 -1.26 6.58 -18.08
CA ASN B 115 -2.22 7.65 -18.33
C ASN B 115 -3.36 7.23 -19.25
N GLY B 116 -3.05 6.42 -20.25
CA GLY B 116 -4.07 5.96 -21.17
C GLY B 116 -5.14 5.17 -20.44
N PRO B 117 -4.75 4.12 -19.70
CA PRO B 117 -5.71 3.31 -18.94
C PRO B 117 -6.51 4.14 -17.94
N ILE B 118 -5.84 5.06 -17.27
CA ILE B 118 -6.52 5.91 -16.30
C ILE B 118 -7.61 6.72 -16.98
N LYS B 119 -7.29 7.28 -18.14
CA LYS B 119 -8.27 8.08 -18.88
C LYS B 119 -9.48 7.22 -19.24
N LYS B 120 -9.25 5.98 -19.65
CA LYS B 120 -10.35 5.09 -20.02
C LYS B 120 -11.20 4.69 -18.83
N VAL B 121 -10.55 4.34 -17.73
CA VAL B 121 -11.29 3.93 -16.53
C VAL B 121 -12.11 5.11 -16.00
N LEU B 122 -11.55 6.30 -16.08
CA LEU B 122 -12.26 7.49 -15.63
C LEU B 122 -13.49 7.72 -16.50
N ALA B 123 -13.30 7.61 -17.81
CA ALA B 123 -14.39 7.81 -18.76
C ALA B 123 -15.51 6.79 -18.56
N SER B 124 -15.17 5.60 -18.09
CA SER B 124 -16.17 4.56 -17.87
C SER B 124 -17.14 5.00 -16.77
N LYS B 125 -16.67 5.94 -15.93
CA LYS B 125 -17.48 6.46 -14.84
C LYS B 125 -17.92 7.89 -15.14
N ASN B 126 -17.78 8.28 -16.40
CA ASN B 126 -18.18 9.61 -16.88
C ASN B 126 -17.33 10.79 -16.42
N PHE B 127 -16.07 10.53 -16.09
CA PHE B 127 -15.15 11.59 -15.69
C PHE B 127 -14.36 11.93 -16.96
N GLY B 128 -14.57 13.13 -17.48
CA GLY B 128 -13.92 13.55 -18.71
C GLY B 128 -12.46 13.98 -18.69
N ASP B 129 -12.06 14.65 -19.78
CA ASP B 129 -10.68 15.10 -19.95
C ASP B 129 -10.11 15.91 -18.79
N LYS B 130 -10.94 16.76 -18.18
CA LYS B 130 -10.47 17.59 -17.07
C LYS B 130 -9.89 16.71 -15.96
N TYR B 131 -10.59 15.62 -15.66
CA TYR B 131 -10.16 14.69 -14.62
C TYR B 131 -8.94 13.88 -15.05
N ALA B 132 -8.89 13.51 -16.32
CA ALA B 132 -7.76 12.74 -16.83
C ALA B 132 -6.51 13.61 -16.75
N ASN B 133 -6.68 14.91 -17.02
CA ASN B 133 -5.57 15.85 -16.97
C ASN B 133 -5.08 16.01 -15.52
N ALA B 134 -6.01 15.99 -14.58
CA ALA B 134 -5.65 16.13 -13.17
C ALA B 134 -4.82 14.92 -12.75
N TRP B 135 -5.24 13.73 -13.16
CA TRP B 135 -4.50 12.53 -12.81
C TRP B 135 -3.14 12.48 -13.49
N ALA B 136 -3.04 13.04 -14.68
CA ALA B 136 -1.76 13.07 -15.39
C ALA B 136 -0.78 13.91 -14.59
N LYS B 137 -1.30 14.95 -13.92
CA LYS B 137 -0.45 15.81 -13.11
C LYS B 137 0.08 15.06 -11.89
N LEU B 138 -0.74 14.17 -11.32
CA LEU B 138 -0.30 13.40 -10.16
C LEU B 138 0.73 12.37 -10.62
N VAL B 139 0.48 11.76 -11.77
CA VAL B 139 1.42 10.78 -12.32
C VAL B 139 2.75 11.46 -12.61
N ALA B 140 2.68 12.73 -12.99
CA ALA B 140 3.88 13.50 -13.29
C ALA B 140 4.77 13.69 -12.07
N VAL B 141 4.16 13.65 -10.88
CA VAL B 141 4.93 13.81 -9.65
C VAL B 141 5.80 12.57 -9.50
N VAL B 142 5.24 11.40 -9.81
CA VAL B 142 6.00 10.16 -9.72
C VAL B 142 7.09 10.16 -10.79
N GLN B 143 6.76 10.65 -11.98
CA GLN B 143 7.74 10.70 -13.07
C GLN B 143 8.94 11.57 -12.71
N ALA B 144 8.73 12.59 -11.89
CA ALA B 144 9.82 13.47 -11.49
C ALA B 144 10.84 12.72 -10.64
N ALA B 145 10.43 11.58 -10.09
CA ALA B 145 11.32 10.77 -9.26
C ALA B 145 11.93 9.60 -10.00
N LEU B 146 11.56 9.44 -11.27
CA LEU B 146 12.08 8.33 -12.07
C LEU B 146 13.13 8.78 -13.08
CHA HEM C . 9.05 -3.65 3.63
CHB HEM C . 4.69 -3.85 5.74
CHC HEM C . 6.59 -6.29 9.50
CHD HEM C . 10.92 -6.32 7.24
C1A HEM C . 7.68 -3.57 3.84
C2A HEM C . 6.76 -2.91 2.94
C3A HEM C . 5.54 -2.97 3.52
C4A HEM C . 5.70 -3.66 4.79
CMA HEM C . 4.23 -2.48 2.93
CAA HEM C . 7.15 -2.39 1.56
CBA HEM C . 7.32 -3.53 0.57
CGA HEM C . 8.13 -3.12 -0.64
O1A HEM C . 7.89 -2.02 -1.17
O2A HEM C . 8.99 -3.92 -1.07
C1B HEM C . 4.82 -4.54 6.95
C2B HEM C . 3.75 -4.77 7.90
C3B HEM C . 4.27 -5.50 8.94
C4B HEM C . 5.68 -5.68 8.63
CMB HEM C . 2.28 -4.38 7.72
CAB HEM C . 3.60 -6.05 10.03
CBB HEM C . 2.55 -5.42 10.78
C1C HEM C . 7.95 -6.50 9.21
C2C HEM C . 8.90 -7.11 10.13
C3C HEM C . 10.12 -7.15 9.50
C4C HEM C . 9.91 -6.56 8.18
CMC HEM C . 8.55 -7.59 11.55
CAC HEM C . 11.38 -7.55 10.00
CBC HEM C . 11.63 -8.34 11.18
C1D HEM C . 10.79 -5.55 6.07
C2D HEM C . 11.89 -5.17 5.22
C3D HEM C . 11.38 -4.38 4.24
C4D HEM C . 9.95 -4.31 4.47
CMD HEM C . 13.37 -5.53 5.40
CAD HEM C . 12.16 -3.68 3.15
CBD HEM C . 12.41 -2.21 3.48
CGD HEM C . 13.10 -1.48 2.35
O1D HEM C . 14.27 -1.79 2.05
O2D HEM C . 12.45 -0.60 1.75
NA HEM C . 7.01 -4.05 4.95
NB HEM C . 5.99 -5.13 7.40
NC HEM C . 8.58 -6.14 8.03
ND HEM C . 9.60 -5.00 5.62
FE HEM C . 7.79 -5.13 6.48
C CMO D . 8.18 -3.57 7.45
O CMO D . 8.50 -2.70 8.24
C1 CEE E . -0.98 -0.84 15.18
C2 CEE E . -0.20 -0.28 14.16
C3 CEE E . 0.79 0.70 14.48
C4 CEE E . 1.00 1.12 15.83
C5 CEE E . 0.19 0.56 16.87
C6 CEE E . -0.78 -0.41 16.55
C1' CEE E . -2.02 -1.85 14.83
C2' CEE E . -3.24 -1.08 15.35
CL1 CEE E . -4.79 -1.78 15.13
CHA HEM F . 4.75 -3.14 -8.90
CHB HEM F . 1.81 0.64 -8.18
CHC HEM F . 2.35 1.97 -12.83
CHD HEM F . 5.45 -1.75 -13.49
C1A HEM F . 3.93 -2.19 -8.29
C2A HEM F . 3.57 -2.20 -6.88
C3A HEM F . 2.76 -1.14 -6.67
C4A HEM F . 2.62 -0.47 -7.95
CMA HEM F . 2.16 -0.70 -5.33
CAA HEM F . 4.13 -3.22 -5.88
CBA HEM F . 5.56 -2.85 -5.50
CGA HEM F . 6.27 -3.96 -4.76
O1A HEM F . 5.62 -4.59 -3.90
O2A HEM F . 7.47 -4.18 -5.03
C1B HEM F . 1.71 1.36 -9.38
C2B HEM F . 0.89 2.55 -9.60
C3B HEM F . 1.08 2.96 -10.89
C4B HEM F . 1.99 1.98 -11.48
CMB HEM F . 0.08 3.29 -8.51
CAB HEM F . 0.56 4.09 -11.54
CBB HEM F . -0.72 4.73 -11.33
C1C HEM F . 3.21 1.04 -13.43
C2C HEM F . 3.55 1.01 -14.85
C3C HEM F . 4.43 -0.03 -15.04
C4C HEM F . 4.63 -0.63 -13.72
CMC HEM F . 2.96 1.95 -15.89
CAC HEM F . 5.03 -0.49 -16.22
CBC HEM F . 5.01 0.12 -17.51
C1D HEM F . 5.53 -2.45 -12.29
C2D HEM F . 6.21 -3.72 -12.14
C3D HEM F . 5.98 -4.12 -10.88
C4D HEM F . 5.17 -3.10 -10.23
CMD HEM F . 6.94 -4.49 -13.23
CAD HEM F . 6.43 -5.43 -10.25
CBD HEM F . 5.30 -6.45 -10.26
CGD HEM F . 5.67 -7.73 -9.55
O1D HEM F . 6.57 -8.44 -10.03
O2D HEM F . 5.07 -8.03 -8.50
NA HEM F . 3.37 -1.10 -8.90
NB HEM F . 2.39 1.02 -10.54
NC HEM F . 3.86 0.01 -12.76
ND HEM F . 4.85 -2.10 -11.13
FE HEM F . 3.62 -0.55 -10.83
C CMO G . 2.16 -1.54 -11.40
O CMO G . 1.19 -2.10 -11.91
#